data_4O9H
#
_entry.id   4O9H
#
_cell.length_a   108.210
_cell.length_b   47.470
_cell.length_c   148.320
_cell.angle_alpha   90.00
_cell.angle_beta   97.00
_cell.angle_gamma   90.00
#
_symmetry.space_group_name_H-M   'C 1 2 1'
#
loop_
_entity.id
_entity.type
_entity.pdbx_description
1 polymer Interleukin-6
2 polymer 'Heavy Chain of the Camelid Fab fragment 61H7'
3 polymer 'Light Chain of the Camelid Fab fragment 61H7'
4 water water
#
loop_
_entity_poly.entity_id
_entity_poly.type
_entity_poly.pdbx_seq_one_letter_code
_entity_poly.pdbx_strand_id
1 'polypeptide(L)'
;MAPVPPGEDSKDVAAPHRQPLTSSERIDKQIRYILDGISALRKETCNKSNMCESSKEALAENNLNLPKMAEKDGCFQSGF
NEETCLVKIITGLLEFEVYLEYLQNRFESSEEQARAVQMSTKVLIQFLQKKAKNLDAITTPDPTTNASLLTKLQAQNQWL
QDMTTHLILRSFKEFLQSSLRALRQM
;
A
2 'polypeptide(L)'
;EVQLVESGGGLVQPGGSLRLSCAASGFTFSSYRMYWVRQPPGKGLEWVSAISAGGGSTYYGDSVKGRFTISRDNAKNTVY
LQMNSLKPEDTAVYYCANRAGWGMGDYWGQGTQVTVSSASTKGPSVFPLAPSSKSTSGGTAALGCLVKDYFPEPVTVSWN
SGALTSGVHTFPAVLQSSGLYSLSSVVTVPSSSLGTQTYICNVNHKPSNTKVDKKVEPKSCDK
;
H
3 'polypeptide(L)'
;QTVVTQEPSLSVSPGGTVTLTCGLSSGSVTASNYPGWFQQTPGQAPRALIYSTNDRHSGVPSRFSGSISGNKAALTITGA
QPEDEADYYCALDIGDITEFGGGTHLTVLGQPKAAPSVTLFPPSSEELQANKATLVCLISDFYPGAVTVAWKADSSPVKA
GVETTTPSKQSNNKYAASSYLSLTPEQWKSHRSYSCQVTHEGSTVEKTVAPTECS
;
L
#
# COMPACT_ATOMS: atom_id res chain seq x y z
N LEU A 21 -4.69 24.86 15.70
CA LEU A 21 -4.07 23.55 15.56
C LEU A 21 -4.00 23.18 14.07
N THR A 22 -2.77 23.08 13.54
CA THR A 22 -2.54 22.78 12.13
C THR A 22 -2.45 21.31 11.75
N SER A 23 -3.00 21.01 10.58
CA SER A 23 -3.02 19.74 9.88
C SER A 23 -3.09 20.09 8.42
N SER A 24 -2.51 19.25 7.55
CA SER A 24 -2.60 19.39 6.11
C SER A 24 -4.08 19.28 5.72
N GLU A 25 -4.80 18.34 6.39
CA GLU A 25 -6.23 18.04 6.24
C GLU A 25 -7.08 19.26 6.56
N ARG A 26 -6.78 19.96 7.69
CA ARG A 26 -7.50 21.17 8.10
C ARG A 26 -7.28 22.29 7.11
N ILE A 27 -6.05 22.41 6.58
CA ILE A 27 -5.72 23.43 5.58
C ILE A 27 -6.51 23.14 4.28
N ASP A 28 -6.53 21.87 3.89
CA ASP A 28 -7.21 21.36 2.72
C ASP A 28 -8.72 21.59 2.82
N LYS A 29 -9.30 21.29 4.01
CA LYS A 29 -10.73 21.49 4.35
C LYS A 29 -11.06 22.98 4.28
N GLN A 30 -10.16 23.83 4.83
CA GLN A 30 -10.33 25.28 4.85
C GLN A 30 -10.35 25.86 3.43
N ILE A 31 -9.41 25.44 2.53
CA ILE A 31 -9.42 25.93 1.14
C ILE A 31 -10.74 25.53 0.44
N ARG A 32 -11.07 24.23 0.52
CA ARG A 32 -12.25 23.64 -0.11
C ARG A 32 -13.55 24.32 0.34
N TYR A 33 -13.63 24.70 1.64
CA TYR A 33 -14.74 25.41 2.28
C TYR A 33 -14.86 26.84 1.72
N ILE A 34 -13.74 27.59 1.68
CA ILE A 34 -13.73 28.92 1.09
C ILE A 34 -14.14 28.82 -0.40
N LEU A 35 -13.61 27.82 -1.16
CA LEU A 35 -13.99 27.63 -2.58
C LEU A 35 -15.49 27.51 -2.80
N ASP A 36 -16.17 26.74 -1.96
CA ASP A 36 -17.63 26.58 -1.97
C ASP A 36 -18.34 27.88 -1.57
N GLY A 37 -17.67 28.69 -0.73
CA GLY A 37 -18.13 29.99 -0.30
C GLY A 37 -18.08 31.01 -1.40
N ILE A 38 -16.97 31.01 -2.18
CA ILE A 38 -16.76 31.86 -3.36
C ILE A 38 -17.85 31.56 -4.40
N SER A 39 -18.06 30.26 -4.67
CA SER A 39 -19.07 29.76 -5.59
C SER A 39 -20.48 30.29 -5.23
N ALA A 40 -20.89 30.11 -3.94
CA ALA A 40 -22.18 30.57 -3.39
C ALA A 40 -22.32 32.07 -3.42
N LEU A 41 -21.21 32.81 -3.34
CA LEU A 41 -21.21 34.27 -3.46
C LEU A 41 -21.36 34.68 -4.91
N ARG A 42 -20.66 34.00 -5.85
CA ARG A 42 -20.67 34.24 -7.30
C ARG A 42 -22.08 34.05 -7.83
N LYS A 43 -22.81 33.08 -7.26
CA LYS A 43 -24.17 32.71 -7.62
C LYS A 43 -25.15 33.79 -7.15
N GLU A 44 -24.92 34.33 -5.95
CA GLU A 44 -25.80 35.35 -5.41
C GLU A 44 -25.34 36.77 -5.79
N THR A 45 -24.60 36.87 -6.89
CA THR A 45 -24.10 38.12 -7.44
C THR A 45 -24.44 38.17 -8.94
N CYS A 46 -24.31 37.02 -9.65
CA CYS A 46 -24.53 36.86 -11.09
C CYS A 46 -26.03 36.85 -11.48
N ASN A 47 -26.90 37.30 -10.56
CA ASN A 47 -28.35 37.36 -10.77
C ASN A 47 -28.90 38.79 -10.65
N LYS A 48 -28.02 39.77 -10.99
CA LYS A 48 -28.27 41.22 -11.01
C LYS A 48 -27.55 41.83 -12.24
N SER A 49 -26.47 41.14 -12.69
CA SER A 49 -25.65 41.50 -13.85
C SER A 49 -25.89 40.46 -14.97
N ASN A 50 -25.64 39.17 -14.66
CA ASN A 50 -25.82 37.99 -15.54
C ASN A 50 -25.15 38.10 -16.92
N ASN A 63 -6.04 48.65 -14.66
CA ASN A 63 -6.86 47.52 -14.19
C ASN A 63 -6.47 47.05 -12.75
N LEU A 64 -7.21 46.04 -12.20
CA LEU A 64 -6.96 45.45 -10.88
C LEU A 64 -5.64 44.69 -10.85
N ASN A 65 -4.89 44.81 -9.75
CA ASN A 65 -3.63 44.09 -9.57
C ASN A 65 -3.87 42.94 -8.55
N LEU A 66 -4.76 41.97 -8.92
CA LEU A 66 -5.10 40.85 -8.04
C LEU A 66 -4.00 39.79 -8.01
N PRO A 67 -3.68 39.18 -6.83
CA PRO A 67 -2.63 38.13 -6.78
C PRO A 67 -2.87 36.98 -7.76
N LYS A 68 -1.79 36.51 -8.39
CA LYS A 68 -1.84 35.47 -9.41
C LYS A 68 -0.55 34.67 -9.36
N MET A 69 -0.66 33.34 -9.48
CA MET A 69 0.45 32.41 -9.49
C MET A 69 1.10 32.48 -10.86
N ALA A 70 2.43 32.45 -10.86
CA ALA A 70 3.28 32.41 -12.05
C ALA A 70 4.23 31.26 -11.81
N GLU A 71 4.83 30.69 -12.88
CA GLU A 71 5.78 29.58 -12.80
C GLU A 71 6.96 29.85 -11.85
N LYS A 72 7.46 31.13 -11.82
CA LYS A 72 8.57 31.58 -10.97
C LYS A 72 8.30 31.37 -9.47
N ASP A 73 7.01 31.32 -9.07
CA ASP A 73 6.60 31.17 -7.69
C ASP A 73 6.88 29.81 -7.11
N GLY A 74 6.95 28.79 -7.97
CA GLY A 74 7.22 27.41 -7.59
C GLY A 74 6.01 26.62 -7.09
N CYS A 75 4.79 27.03 -7.51
CA CYS A 75 3.54 26.36 -7.13
C CYS A 75 3.03 25.37 -8.16
N PHE A 76 3.51 25.48 -9.41
CA PHE A 76 3.15 24.58 -10.50
C PHE A 76 4.10 23.39 -10.54
N GLN A 77 3.79 22.36 -11.33
CA GLN A 77 4.64 21.18 -11.45
C GLN A 77 6.02 21.57 -12.00
N SER A 78 6.06 22.35 -13.10
CA SER A 78 7.31 22.81 -13.71
C SER A 78 7.90 23.89 -12.80
N GLY A 79 9.09 23.59 -12.25
CA GLY A 79 9.82 24.46 -11.34
C GLY A 79 9.27 24.46 -9.93
N PHE A 80 8.65 23.33 -9.50
CA PHE A 80 8.05 23.20 -8.17
C PHE A 80 9.03 23.48 -7.03
N ASN A 81 8.79 24.56 -6.29
CA ASN A 81 9.59 24.91 -5.13
C ASN A 81 8.71 25.18 -3.90
N GLU A 82 8.73 24.22 -3.01
CA GLU A 82 8.08 24.11 -1.70
C GLU A 82 8.14 25.42 -0.90
N GLU A 83 9.36 25.90 -0.69
CA GLU A 83 9.73 27.07 0.09
C GLU A 83 9.24 28.39 -0.49
N THR A 84 9.43 28.61 -1.81
CA THR A 84 8.99 29.84 -2.47
C THR A 84 7.47 29.84 -2.66
N CYS A 85 6.88 28.64 -2.91
CA CYS A 85 5.45 28.49 -3.11
C CYS A 85 4.70 28.85 -1.85
N LEU A 86 5.13 28.33 -0.67
CA LEU A 86 4.47 28.60 0.61
C LEU A 86 4.49 30.11 0.92
N VAL A 87 5.58 30.78 0.54
CA VAL A 87 5.74 32.22 0.75
C VAL A 87 4.73 32.99 -0.13
N LYS A 88 4.56 32.57 -1.40
CA LYS A 88 3.63 33.16 -2.37
C LYS A 88 2.15 32.92 -1.97
N ILE A 89 1.87 31.74 -1.38
CA ILE A 89 0.52 31.44 -0.89
C ILE A 89 0.13 32.46 0.21
N ILE A 90 0.91 32.54 1.29
CA ILE A 90 0.72 33.44 2.44
C ILE A 90 0.69 34.92 2.01
N THR A 91 1.63 35.33 1.14
CA THR A 91 1.69 36.69 0.59
C THR A 91 0.42 37.05 -0.16
N GLY A 92 0.01 36.18 -1.08
CA GLY A 92 -1.17 36.35 -1.93
C GLY A 92 -2.44 36.40 -1.14
N LEU A 93 -2.57 35.50 -0.14
CA LEU A 93 -3.74 35.50 0.73
C LEU A 93 -3.84 36.78 1.59
N LEU A 94 -2.70 37.33 2.05
CA LEU A 94 -2.63 38.59 2.82
C LEU A 94 -2.98 39.77 1.92
N GLU A 95 -2.59 39.69 0.63
CA GLU A 95 -2.90 40.73 -0.35
C GLU A 95 -4.40 40.72 -0.72
N PHE A 96 -5.03 39.52 -0.73
CA PHE A 96 -6.44 39.39 -1.10
C PHE A 96 -7.38 40.01 -0.09
N GLU A 97 -6.94 40.14 1.17
CA GLU A 97 -7.71 40.65 2.30
C GLU A 97 -8.39 41.99 2.10
N VAL A 98 -7.72 42.96 1.43
CA VAL A 98 -8.31 44.27 1.14
C VAL A 98 -9.53 44.09 0.22
N TYR A 99 -9.44 43.15 -0.72
CA TYR A 99 -10.49 42.84 -1.68
C TYR A 99 -11.63 42.10 -1.02
N LEU A 100 -11.33 41.29 0.02
CA LEU A 100 -12.40 40.59 0.74
C LEU A 100 -13.13 41.59 1.67
N GLU A 101 -12.39 42.62 2.15
CA GLU A 101 -12.99 43.69 2.94
C GLU A 101 -13.93 44.50 2.08
N TYR A 102 -13.58 44.71 0.80
CA TYR A 102 -14.40 45.39 -0.19
C TYR A 102 -15.70 44.66 -0.42
N LEU A 103 -15.66 43.32 -0.47
CA LEU A 103 -16.84 42.49 -0.71
C LEU A 103 -17.91 42.59 0.36
N GLN A 104 -17.50 42.92 1.60
CA GLN A 104 -18.40 43.06 2.74
C GLN A 104 -19.48 44.13 2.59
N ASN A 105 -19.11 45.32 2.08
CA ASN A 105 -20.10 46.38 1.80
C ASN A 105 -21.01 46.03 0.60
N ARG A 106 -20.39 45.42 -0.43
CA ARG A 106 -20.99 44.94 -1.67
C ARG A 106 -21.98 43.79 -1.38
N SER A 109 -26.47 41.99 2.20
CA SER A 109 -27.81 41.41 2.07
C SER A 109 -27.81 39.89 2.32
N SER A 110 -26.58 39.34 2.31
CA SER A 110 -26.09 38.01 2.69
C SER A 110 -24.70 38.41 3.21
N GLU A 111 -24.74 39.48 4.06
CA GLU A 111 -23.62 40.14 4.72
C GLU A 111 -22.85 39.15 5.54
N GLU A 112 -23.55 38.16 6.12
CA GLU A 112 -22.97 37.05 6.88
C GLU A 112 -22.10 36.13 5.99
N GLN A 113 -22.53 35.89 4.72
CA GLN A 113 -21.85 35.04 3.76
C GLN A 113 -20.52 35.70 3.29
N ALA A 114 -20.55 36.96 2.90
CA ALA A 114 -19.33 37.67 2.50
C ALA A 114 -18.39 37.88 3.68
N ARG A 115 -18.93 38.04 4.92
CA ARG A 115 -18.10 38.19 6.12
C ARG A 115 -17.45 36.85 6.44
N ALA A 116 -18.18 35.76 6.23
CA ALA A 116 -17.69 34.40 6.46
C ALA A 116 -16.53 34.07 5.53
N VAL A 117 -16.53 34.62 4.31
CA VAL A 117 -15.44 34.39 3.37
C VAL A 117 -14.18 35.06 3.91
N GLN A 118 -14.31 36.32 4.34
CA GLN A 118 -13.21 37.11 4.91
C GLN A 118 -12.66 36.43 6.18
N MET A 119 -13.52 36.08 7.15
CA MET A 119 -13.11 35.46 8.41
C MET A 119 -12.53 34.05 8.25
N SER A 120 -13.08 33.25 7.34
CA SER A 120 -12.57 31.91 7.04
C SER A 120 -11.18 31.96 6.39
N THR A 121 -10.87 33.05 5.63
CA THR A 121 -9.59 33.32 4.97
C THR A 121 -8.50 33.62 6.00
N LYS A 122 -8.82 34.42 7.02
CA LYS A 122 -7.95 34.78 8.15
C LYS A 122 -7.47 33.52 8.89
N VAL A 123 -8.38 32.51 9.06
CA VAL A 123 -8.06 31.22 9.68
C VAL A 123 -7.08 30.44 8.75
N LEU A 124 -7.31 30.53 7.43
CA LEU A 124 -6.46 29.92 6.42
C LEU A 124 -5.06 30.51 6.49
N ILE A 125 -4.96 31.84 6.61
CA ILE A 125 -3.68 32.52 6.73
C ILE A 125 -2.94 32.07 8.01
N GLN A 126 -3.63 32.10 9.17
CA GLN A 126 -3.09 31.66 10.46
C GLN A 126 -2.49 30.27 10.36
N PHE A 127 -3.26 29.31 9.76
CA PHE A 127 -2.86 27.93 9.54
C PHE A 127 -1.57 27.87 8.74
N LEU A 128 -1.53 28.55 7.59
CA LEU A 128 -0.34 28.57 6.76
C LEU A 128 0.86 29.28 7.41
N GLN A 129 0.63 30.34 8.22
CA GLN A 129 1.68 31.05 8.97
C GLN A 129 2.30 30.11 10.00
N LYS A 130 1.47 29.25 10.64
CA LYS A 130 1.87 28.24 11.62
C LYS A 130 2.66 27.14 10.95
N LYS A 131 2.30 26.76 9.71
CA LYS A 131 2.96 25.69 8.96
C LYS A 131 4.35 26.17 8.54
N ALA A 132 4.44 27.44 8.12
CA ALA A 132 5.66 28.07 7.68
C ALA A 132 6.57 28.47 8.81
N LYS A 133 6.17 28.25 10.10
CA LYS A 133 6.84 28.61 11.37
C LYS A 133 8.40 28.52 11.35
N ASN A 134 8.94 27.80 10.35
CA ASN A 134 10.37 27.68 10.07
C ASN A 134 10.98 29.08 9.73
N LEU A 135 10.22 29.95 9.02
CA LEU A 135 10.60 31.32 8.61
C LEU A 135 9.39 32.15 8.11
N ASP A 136 9.58 33.48 7.96
CA ASP A 136 8.67 34.49 7.41
C ASP A 136 9.50 35.62 6.79
N ALA A 137 9.31 35.86 5.48
CA ALA A 137 9.90 36.92 4.65
C ALA A 137 9.17 36.84 3.29
N ILE A 138 8.02 37.48 3.33
CA ILE A 138 6.78 37.55 2.59
C ILE A 138 6.65 38.27 1.19
N THR A 139 6.16 39.57 1.02
CA THR A 139 5.89 40.74 1.89
C THR A 139 4.46 40.96 2.38
N THR A 140 4.30 41.52 3.61
CA THR A 140 2.99 41.88 4.16
C THR A 140 2.57 43.24 3.57
N PRO A 141 1.30 43.39 3.06
CA PRO A 141 0.90 44.68 2.45
C PRO A 141 0.75 45.88 3.40
N ASP A 142 0.99 47.10 2.84
CA ASP A 142 0.93 48.40 3.53
C ASP A 142 -0.52 48.76 3.86
N PRO A 143 -0.88 49.05 5.13
CA PRO A 143 -2.28 49.37 5.45
C PRO A 143 -2.89 50.62 4.79
N THR A 144 -2.17 51.75 4.76
CA THR A 144 -2.68 53.01 4.18
C THR A 144 -2.90 52.95 2.67
N THR A 145 -2.08 52.15 1.96
CA THR A 145 -2.17 51.90 0.51
C THR A 145 -3.46 51.13 0.20
N ASN A 146 -3.85 50.22 1.11
CA ASN A 146 -5.05 49.40 0.99
C ASN A 146 -6.31 50.24 1.22
N ALA A 147 -6.32 51.09 2.27
CA ALA A 147 -7.44 51.97 2.63
C ALA A 147 -7.76 52.99 1.53
N SER A 148 -6.75 53.33 0.71
CA SER A 148 -6.84 54.28 -0.39
C SER A 148 -7.43 53.57 -1.59
N LEU A 149 -6.94 52.34 -1.86
CA LEU A 149 -7.41 51.45 -2.92
C LEU A 149 -8.88 51.11 -2.67
N LEU A 150 -9.24 50.87 -1.38
CA LEU A 150 -10.59 50.56 -0.93
C LEU A 150 -11.58 51.69 -1.21
N THR A 151 -11.18 52.94 -0.99
CA THR A 151 -12.05 54.09 -1.27
C THR A 151 -12.23 54.28 -2.79
N LYS A 152 -11.17 53.99 -3.56
CA LYS A 152 -11.14 54.10 -5.02
C LYS A 152 -12.09 53.06 -5.66
N LEU A 153 -12.13 51.84 -5.07
CA LEU A 153 -13.00 50.73 -5.51
C LEU A 153 -14.45 51.02 -5.14
N GLN A 154 -14.64 51.72 -4.00
CA GLN A 154 -15.97 52.11 -3.51
C GLN A 154 -16.56 53.33 -4.18
N ALA A 155 -15.75 54.09 -4.92
CA ALA A 155 -16.18 55.28 -5.65
C ALA A 155 -16.65 55.01 -7.09
N GLN A 156 -16.57 53.73 -7.54
CA GLN A 156 -16.98 53.30 -8.88
C GLN A 156 -18.50 53.22 -8.94
N ASN A 157 -19.08 53.30 -10.15
CA ASN A 157 -20.51 53.15 -10.33
C ASN A 157 -20.92 51.70 -10.01
N GLN A 158 -22.23 51.39 -9.93
CA GLN A 158 -22.66 50.04 -9.58
C GLN A 158 -22.23 48.94 -10.52
N TRP A 159 -22.19 49.22 -11.85
CA TRP A 159 -21.77 48.25 -12.89
C TRP A 159 -20.32 47.78 -12.64
N LEU A 160 -19.40 48.76 -12.50
CA LEU A 160 -17.97 48.59 -12.27
C LEU A 160 -17.74 47.85 -10.97
N GLN A 161 -18.57 48.12 -9.96
CA GLN A 161 -18.52 47.44 -8.67
C GLN A 161 -18.89 45.95 -8.77
N ASP A 162 -19.83 45.61 -9.66
CA ASP A 162 -20.27 44.23 -9.91
C ASP A 162 -19.24 43.43 -10.73
N MET A 163 -18.52 44.12 -11.63
CA MET A 163 -17.43 43.58 -12.45
C MET A 163 -16.24 43.34 -11.53
N THR A 164 -15.94 44.32 -10.62
CA THR A 164 -14.86 44.24 -9.62
C THR A 164 -15.04 42.97 -8.78
N THR A 165 -16.27 42.75 -8.27
CA THR A 165 -16.69 41.58 -7.49
C THR A 165 -16.46 40.28 -8.27
N HIS A 166 -16.88 40.25 -9.54
CA HIS A 166 -16.70 39.08 -10.41
C HIS A 166 -15.23 38.76 -10.59
N LEU A 167 -14.41 39.79 -10.84
CA LEU A 167 -12.98 39.64 -11.03
C LEU A 167 -12.25 39.24 -9.77
N ILE A 168 -12.66 39.75 -8.60
CA ILE A 168 -12.08 39.35 -7.30
C ILE A 168 -12.37 37.88 -7.04
N LEU A 169 -13.65 37.47 -7.17
CA LEU A 169 -14.11 36.10 -6.91
C LEU A 169 -13.46 35.05 -7.81
N ARG A 170 -13.26 35.37 -9.12
CA ARG A 170 -12.67 34.44 -10.08
C ARG A 170 -11.18 34.27 -9.79
N SER A 171 -10.49 35.38 -9.57
CA SER A 171 -9.08 35.44 -9.30
C SER A 171 -8.71 34.74 -7.97
N PHE A 172 -9.57 34.91 -6.94
CA PHE A 172 -9.38 34.28 -5.63
C PHE A 172 -9.56 32.78 -5.76
N LYS A 173 -10.54 32.36 -6.58
CA LYS A 173 -10.82 30.95 -6.88
C LYS A 173 -9.62 30.31 -7.55
N GLU A 174 -9.06 30.99 -8.57
CA GLU A 174 -7.89 30.50 -9.30
C GLU A 174 -6.70 30.30 -8.39
N PHE A 175 -6.43 31.28 -7.51
CA PHE A 175 -5.35 31.26 -6.53
C PHE A 175 -5.50 30.11 -5.50
N LEU A 176 -6.71 29.93 -4.93
CA LEU A 176 -7.01 28.85 -3.96
C LEU A 176 -6.93 27.47 -4.57
N GLN A 177 -7.32 27.32 -5.84
CA GLN A 177 -7.23 26.03 -6.55
C GLN A 177 -5.78 25.62 -6.78
N SER A 178 -4.89 26.60 -7.05
CA SER A 178 -3.46 26.32 -7.29
C SER A 178 -2.76 26.03 -5.97
N SER A 179 -3.13 26.77 -4.92
CA SER A 179 -2.61 26.58 -3.56
C SER A 179 -2.95 25.19 -3.08
N LEU A 180 -4.21 24.74 -3.33
CA LEU A 180 -4.73 23.43 -2.95
C LEU A 180 -3.86 22.34 -3.55
N ARG A 181 -3.64 22.38 -4.90
CA ARG A 181 -2.83 21.43 -5.67
C ARG A 181 -1.40 21.36 -5.11
N ALA A 182 -0.75 22.54 -4.98
CA ALA A 182 0.61 22.70 -4.46
C ALA A 182 0.80 22.16 -3.03
N LEU A 183 -0.08 22.54 -2.10
CA LEU A 183 0.03 22.09 -0.71
C LEU A 183 0.07 20.60 -0.48
N ARG A 184 -0.58 19.86 -1.35
CA ARG A 184 -0.53 18.43 -1.38
C ARG A 184 0.88 17.84 -1.49
N GLN A 185 1.76 18.55 -2.18
CA GLN A 185 3.14 18.11 -2.27
C GLN A 185 4.09 18.75 -1.29
N MET A 186 3.61 19.54 -0.34
CA MET A 186 4.46 20.22 0.62
C MET A 186 4.28 19.72 2.04
N GLU B 1 7.11 4.10 -19.16
CA GLU B 1 6.32 4.20 -17.94
C GLU B 1 7.16 4.69 -16.75
N VAL B 2 6.47 4.93 -15.62
CA VAL B 2 7.06 5.33 -14.34
C VAL B 2 7.52 4.08 -13.60
N GLN B 3 8.71 4.15 -12.98
CA GLN B 3 9.26 3.03 -12.22
C GLN B 3 9.77 3.46 -10.85
N LEU B 4 9.56 2.61 -9.84
CA LEU B 4 10.03 2.78 -8.46
C LEU B 4 10.68 1.48 -8.04
N VAL B 5 11.97 1.53 -7.66
CA VAL B 5 12.72 0.36 -7.25
C VAL B 5 13.22 0.49 -5.81
N GLU B 6 12.62 -0.30 -4.91
CA GLU B 6 13.04 -0.41 -3.52
C GLU B 6 14.26 -1.37 -3.45
N SER B 7 15.16 -1.06 -2.50
CA SER B 7 16.42 -1.70 -2.13
C SER B 7 16.84 -0.90 -0.91
N GLY B 8 17.61 -1.42 0.03
CA GLY B 8 18.12 -2.77 0.11
C GLY B 8 17.85 -3.22 1.52
N GLY B 9 16.79 -3.99 1.67
CA GLY B 9 16.42 -4.59 2.95
C GLY B 9 17.21 -5.86 3.17
N GLY B 10 17.00 -6.48 4.30
CA GLY B 10 17.68 -7.72 4.63
C GLY B 10 17.49 -8.15 6.06
N LEU B 11 18.26 -9.17 6.47
CA LEU B 11 18.25 -9.68 7.83
C LEU B 11 19.07 -8.71 8.67
N VAL B 12 18.50 -8.33 9.80
CA VAL B 12 19.11 -7.43 10.77
C VAL B 12 18.76 -7.87 12.19
N GLN B 13 19.67 -7.59 13.13
CA GLN B 13 19.59 -7.96 14.54
C GLN B 13 18.75 -6.93 15.30
N PRO B 14 17.96 -7.32 16.33
CA PRO B 14 17.20 -6.31 17.10
C PRO B 14 18.08 -5.22 17.70
N GLY B 15 17.63 -3.97 17.57
CA GLY B 15 18.37 -2.79 18.00
C GLY B 15 19.29 -2.32 16.90
N GLY B 16 19.25 -3.00 15.76
CA GLY B 16 20.07 -2.71 14.59
C GLY B 16 19.60 -1.56 13.73
N SER B 17 20.41 -1.25 12.71
CA SER B 17 20.16 -0.19 11.75
C SER B 17 20.14 -0.69 10.31
N LEU B 18 19.23 -0.12 9.49
CA LEU B 18 19.07 -0.41 8.07
C LEU B 18 18.68 0.87 7.35
N ARG B 19 19.13 1.00 6.08
CA ARG B 19 18.84 2.13 5.22
C ARG B 19 18.25 1.66 3.90
N LEU B 20 16.99 2.02 3.65
CA LEU B 20 16.26 1.67 2.44
C LEU B 20 16.39 2.80 1.46
N SER B 21 16.42 2.47 0.17
CA SER B 21 16.51 3.41 -0.95
C SER B 21 15.34 3.14 -1.85
N CYS B 22 14.99 4.13 -2.68
CA CYS B 22 13.90 4.02 -3.63
C CYS B 22 14.23 4.84 -4.84
N ALA B 23 14.70 4.15 -5.88
CA ALA B 23 15.09 4.80 -7.13
C ALA B 23 13.88 5.05 -7.96
N ALA B 24 13.61 6.32 -8.25
CA ALA B 24 12.47 6.74 -9.07
C ALA B 24 12.93 7.17 -10.46
N SER B 25 12.08 6.91 -11.45
CA SER B 25 12.33 7.22 -12.85
C SER B 25 11.00 7.37 -13.56
N GLY B 26 10.98 8.17 -14.62
CA GLY B 26 9.80 8.34 -15.46
C GLY B 26 8.79 9.37 -15.03
N PHE B 27 9.14 10.23 -14.05
CA PHE B 27 8.26 11.32 -13.57
C PHE B 27 9.07 12.43 -12.88
N THR B 28 8.47 13.63 -12.76
CA THR B 28 9.07 14.83 -12.15
C THR B 28 9.14 14.67 -10.62
N PHE B 29 10.08 13.85 -10.14
CA PHE B 29 10.34 13.47 -8.75
C PHE B 29 10.37 14.64 -7.74
N SER B 30 11.03 15.73 -8.12
CA SER B 30 11.21 16.93 -7.30
C SER B 30 9.90 17.71 -7.11
N SER B 31 8.86 17.27 -7.81
CA SER B 31 7.54 17.90 -7.79
C SER B 31 6.45 17.04 -7.08
N TYR B 32 6.86 15.93 -6.38
CA TYR B 32 5.97 14.99 -5.66
C TYR B 32 6.36 14.69 -4.23
N ARG B 33 5.33 14.52 -3.35
CA ARG B 33 5.49 14.02 -1.99
C ARG B 33 5.71 12.49 -2.22
N MET B 34 6.60 11.88 -1.43
CA MET B 34 6.89 10.45 -1.48
C MET B 34 6.59 9.83 -0.13
N TYR B 35 6.17 8.57 -0.12
CA TYR B 35 5.82 7.90 1.12
C TYR B 35 6.22 6.43 1.15
N TRP B 36 6.24 5.86 2.36
CA TRP B 36 6.54 4.47 2.62
C TRP B 36 5.40 3.79 3.36
N VAL B 37 5.06 2.57 2.90
CA VAL B 37 4.04 1.69 3.45
C VAL B 37 4.74 0.32 3.77
N ARG B 38 4.36 -0.31 4.89
CA ARG B 38 4.91 -1.62 5.27
C ARG B 38 3.82 -2.71 5.32
N GLN B 39 4.19 -3.94 5.00
CA GLN B 39 3.26 -5.05 5.11
C GLN B 39 3.84 -6.21 5.91
N PRO B 40 3.58 -6.24 7.25
CA PRO B 40 4.06 -7.37 8.05
C PRO B 40 3.56 -8.73 7.55
N PRO B 41 4.32 -9.84 7.78
CA PRO B 41 3.87 -11.17 7.31
C PRO B 41 2.45 -11.53 7.74
N GLY B 42 1.62 -11.85 6.75
CA GLY B 42 0.23 -12.23 6.94
C GLY B 42 -0.69 -11.15 7.50
N LYS B 43 -0.22 -9.89 7.51
CA LYS B 43 -0.98 -8.76 8.04
C LYS B 43 -1.31 -7.72 6.98
N GLY B 44 -2.12 -6.74 7.37
CA GLY B 44 -2.57 -5.67 6.50
C GLY B 44 -1.50 -4.63 6.24
N LEU B 45 -1.89 -3.60 5.44
CA LEU B 45 -1.07 -2.47 5.04
C LEU B 45 -0.94 -1.46 6.20
N GLU B 46 0.29 -0.95 6.42
CA GLU B 46 0.61 0.03 7.47
C GLU B 46 1.44 1.18 6.88
N TRP B 47 0.98 2.43 7.06
CA TRP B 47 1.69 3.62 6.58
C TRP B 47 2.84 3.92 7.56
N VAL B 48 4.03 4.20 7.01
CA VAL B 48 5.24 4.41 7.80
C VAL B 48 5.63 5.87 7.91
N SER B 49 5.95 6.50 6.78
CA SER B 49 6.48 7.84 6.79
C SER B 49 6.23 8.52 5.47
N ALA B 50 6.36 9.87 5.43
CA ALA B 50 6.22 10.66 4.21
C ALA B 50 7.16 11.87 4.21
N ILE B 51 7.54 12.33 3.00
CA ILE B 51 8.43 13.46 2.75
C ILE B 51 7.85 14.33 1.63
N SER B 52 7.79 15.65 1.90
CA SER B 52 7.33 16.65 0.96
C SER B 52 8.29 16.73 -0.22
N ALA B 53 7.85 17.29 -1.35
CA ALA B 53 8.65 17.41 -2.58
C ALA B 53 10.12 17.82 -2.40
N GLY B 54 10.38 18.78 -1.50
CA GLY B 54 11.72 19.33 -1.25
C GLY B 54 12.36 18.95 0.06
N GLY B 55 11.72 18.04 0.78
CA GLY B 55 12.25 17.53 2.03
C GLY B 55 11.98 18.36 3.27
N GLY B 56 11.41 19.56 3.09
CA GLY B 56 11.07 20.46 4.19
C GLY B 56 10.22 19.82 5.27
N SER B 57 9.15 19.10 4.85
CA SER B 57 8.18 18.47 5.75
C SER B 57 8.32 16.95 5.76
N THR B 58 8.51 16.37 6.97
CA THR B 58 8.61 14.92 7.17
C THR B 58 7.54 14.47 8.14
N TYR B 59 6.98 13.29 7.90
CA TYR B 59 5.90 12.77 8.73
C TYR B 59 6.16 11.31 8.95
N TYR B 60 5.75 10.80 10.13
CA TYR B 60 5.97 9.44 10.58
C TYR B 60 4.78 8.86 11.32
N GLY B 61 4.65 7.54 11.27
CA GLY B 61 3.66 6.81 12.05
C GLY B 61 4.16 6.85 13.48
N ASP B 62 3.25 7.05 14.44
CA ASP B 62 3.61 7.18 15.85
C ASP B 62 4.21 5.92 16.53
N SER B 63 4.35 4.81 15.78
CA SER B 63 4.97 3.59 16.28
C SER B 63 6.44 3.51 15.85
N VAL B 64 6.92 4.49 15.05
CA VAL B 64 8.27 4.54 14.51
C VAL B 64 8.89 5.96 14.55
N LYS B 65 8.13 6.95 15.07
CA LYS B 65 8.50 8.37 15.13
C LYS B 65 9.96 8.69 15.50
N GLY B 66 10.39 8.17 16.65
CA GLY B 66 11.75 8.40 17.15
C GLY B 66 12.82 7.58 16.48
N ARG B 67 12.47 6.37 16.03
CA ARG B 67 13.37 5.39 15.40
C ARG B 67 13.72 5.67 13.93
N PHE B 68 12.70 6.01 13.10
CA PHE B 68 12.89 6.17 11.66
C PHE B 68 13.11 7.58 11.23
N THR B 69 13.83 7.74 10.12
CA THR B 69 14.14 9.02 9.51
C THR B 69 13.97 8.93 8.00
N ILE B 70 13.18 9.83 7.44
CA ILE B 70 12.99 9.87 6.00
C ILE B 70 13.87 10.98 5.45
N SER B 71 14.51 10.70 4.32
CA SER B 71 15.37 11.65 3.62
C SER B 71 15.06 11.52 2.15
N ARG B 72 15.54 12.46 1.35
CA ARG B 72 15.25 12.54 -0.07
C ARG B 72 16.50 13.05 -0.76
N ASP B 73 16.64 12.73 -2.06
CA ASP B 73 17.76 13.19 -2.88
C ASP B 73 17.37 13.34 -4.34
N ASN B 74 17.70 14.48 -4.88
CA ASN B 74 17.57 14.87 -6.27
C ASN B 74 18.96 15.53 -6.56
N ALA B 75 19.58 15.42 -7.77
CA ALA B 75 19.10 14.82 -9.01
C ALA B 75 19.28 13.31 -9.03
N LYS B 76 19.52 12.70 -7.85
CA LYS B 76 19.65 11.25 -7.68
C LYS B 76 18.28 10.52 -7.67
N ASN B 77 17.14 11.30 -7.70
CA ASN B 77 15.76 10.81 -7.70
C ASN B 77 15.55 9.61 -6.76
N THR B 78 16.07 9.74 -5.53
CA THR B 78 16.04 8.69 -4.51
C THR B 78 15.47 9.18 -3.18
N VAL B 79 14.66 8.33 -2.52
CA VAL B 79 14.08 8.54 -1.19
C VAL B 79 14.75 7.49 -0.35
N TYR B 80 14.97 7.78 0.93
CA TYR B 80 15.62 6.85 1.86
C TYR B 80 14.80 6.67 3.12
N LEU B 81 14.87 5.47 3.67
CA LEU B 81 14.22 5.18 4.94
C LEU B 81 15.27 4.65 5.92
N GLN B 82 15.85 5.57 6.70
CA GLN B 82 16.84 5.24 7.74
C GLN B 82 16.08 4.61 8.91
N MET B 83 16.34 3.35 9.18
CA MET B 83 15.64 2.62 10.22
C MET B 83 16.58 2.24 11.33
N ASN B 84 16.42 2.87 12.50
CA ASN B 84 17.24 2.61 13.69
C ASN B 84 16.41 1.92 14.75
N SER B 85 17.07 1.49 15.84
CA SER B 85 16.45 0.78 16.99
C SER B 85 15.39 -0.26 16.55
N LEU B 86 15.75 -1.02 15.48
CA LEU B 86 14.91 -2.02 14.85
C LEU B 86 14.44 -3.11 15.77
N LYS B 87 13.14 -3.38 15.73
CA LYS B 87 12.46 -4.35 16.58
C LYS B 87 11.81 -5.46 15.72
N PRO B 88 11.53 -6.67 16.27
CA PRO B 88 10.88 -7.72 15.44
C PRO B 88 9.57 -7.27 14.82
N GLU B 89 8.93 -6.26 15.42
CA GLU B 89 7.69 -5.62 15.03
C GLU B 89 7.84 -4.86 13.70
N ASP B 90 9.10 -4.57 13.28
CA ASP B 90 9.45 -3.87 12.03
C ASP B 90 9.69 -4.84 10.88
N THR B 91 9.59 -6.15 11.12
CA THR B 91 9.72 -7.16 10.06
C THR B 91 8.49 -7.02 9.13
N ALA B 92 8.75 -6.72 7.84
CA ALA B 92 7.70 -6.52 6.83
C ALA B 92 8.33 -6.34 5.45
N VAL B 93 7.48 -6.28 4.42
CA VAL B 93 7.84 -5.88 3.06
C VAL B 93 7.56 -4.35 3.06
N TYR B 94 8.55 -3.57 2.64
CA TYR B 94 8.44 -2.12 2.64
C TYR B 94 8.28 -1.61 1.22
N TYR B 95 7.27 -0.77 1.00
CA TYR B 95 6.95 -0.18 -0.29
C TYR B 95 7.14 1.34 -0.28
N CYS B 96 7.71 1.89 -1.37
CA CYS B 96 7.86 3.34 -1.55
C CYS B 96 6.87 3.74 -2.64
N ALA B 97 6.36 4.99 -2.58
CA ALA B 97 5.38 5.50 -3.51
C ALA B 97 5.43 7.00 -3.61
N ASN B 98 4.72 7.53 -4.61
CA ASN B 98 4.45 8.94 -4.81
C ASN B 98 2.99 9.18 -4.47
N ARG B 99 2.71 10.34 -3.89
CA ARG B 99 1.33 10.74 -3.65
C ARG B 99 0.88 11.23 -5.02
N ALA B 100 -0.41 11.02 -5.36
CA ALA B 100 -1.01 11.53 -6.58
C ALA B 100 -0.89 13.05 -6.68
N GLY B 101 -0.81 13.50 -7.92
CA GLY B 101 -0.77 14.92 -8.24
C GLY B 101 -0.37 15.12 -9.67
N TRP B 102 -0.73 16.27 -10.23
CA TRP B 102 -0.38 16.71 -11.59
C TRP B 102 -0.88 15.73 -12.68
N GLY B 103 -2.09 15.21 -12.48
CA GLY B 103 -2.74 14.26 -13.38
C GLY B 103 -2.29 12.81 -13.24
N MET B 104 -1.34 12.53 -12.32
CA MET B 104 -0.81 11.17 -12.06
C MET B 104 -1.38 10.62 -10.75
N GLY B 105 -1.53 9.29 -10.67
CA GLY B 105 -2.02 8.58 -9.49
C GLY B 105 -0.87 8.10 -8.64
N ASP B 106 -1.17 7.35 -7.57
CA ASP B 106 -0.12 6.80 -6.70
C ASP B 106 0.48 5.56 -7.35
N TYR B 107 1.77 5.60 -7.62
CA TYR B 107 2.50 4.47 -8.16
C TYR B 107 3.33 3.93 -7.00
N TRP B 108 3.33 2.61 -6.83
CA TRP B 108 4.09 1.90 -5.80
C TRP B 108 5.15 1.03 -6.52
N GLY B 109 6.19 0.67 -5.80
CA GLY B 109 7.24 -0.20 -6.32
C GLY B 109 6.95 -1.66 -6.02
N GLN B 110 7.93 -2.53 -6.31
CA GLN B 110 7.84 -3.98 -6.09
C GLN B 110 7.93 -4.37 -4.60
N GLY B 111 8.71 -3.61 -3.82
CA GLY B 111 8.91 -3.83 -2.39
C GLY B 111 10.26 -4.42 -2.04
N THR B 112 10.68 -4.23 -0.78
CA THR B 112 11.92 -4.77 -0.24
C THR B 112 11.72 -5.40 1.14
N GLN B 113 12.17 -6.67 1.31
CA GLN B 113 11.99 -7.41 2.56
C GLN B 113 13.00 -7.01 3.61
N VAL B 114 12.50 -6.74 4.82
CA VAL B 114 13.26 -6.40 6.01
C VAL B 114 12.85 -7.43 7.05
N THR B 115 13.84 -8.17 7.59
CA THR B 115 13.64 -9.21 8.60
C THR B 115 14.40 -8.84 9.88
N VAL B 116 13.69 -8.75 11.01
CA VAL B 116 14.31 -8.42 12.28
C VAL B 116 14.20 -9.61 13.23
N SER B 117 15.35 -10.31 13.46
CA SER B 117 15.42 -11.51 14.30
C SER B 117 16.81 -11.72 14.94
N SER B 118 16.82 -12.27 16.17
CA SER B 118 18.02 -12.61 16.94
C SER B 118 18.69 -13.89 16.38
N ALA B 119 17.92 -14.69 15.60
CA ALA B 119 18.37 -15.91 14.93
C ALA B 119 19.33 -15.57 13.78
N SER B 120 20.36 -16.42 13.58
CA SER B 120 21.40 -16.29 12.56
C SER B 120 20.97 -16.91 11.21
N THR B 121 21.63 -16.50 10.12
CA THR B 121 21.37 -16.99 8.75
C THR B 121 21.81 -18.44 8.51
N LYS B 122 20.86 -19.32 8.14
CA LYS B 122 21.18 -20.71 7.83
C LYS B 122 20.90 -21.08 6.36
N GLY B 123 21.91 -21.64 5.71
CA GLY B 123 21.80 -22.13 4.35
C GLY B 123 20.98 -23.41 4.30
N PRO B 124 20.43 -23.79 3.13
CA PRO B 124 19.58 -24.98 3.09
C PRO B 124 20.23 -26.34 2.77
N SER B 125 19.74 -27.41 3.42
CA SER B 125 20.14 -28.79 3.14
C SER B 125 19.20 -29.28 2.02
N VAL B 126 19.75 -29.56 0.84
CA VAL B 126 18.97 -29.97 -0.33
C VAL B 126 18.99 -31.49 -0.52
N PHE B 127 17.81 -32.09 -0.60
CA PHE B 127 17.65 -33.52 -0.79
C PHE B 127 16.79 -33.79 -2.03
N PRO B 128 17.10 -34.82 -2.84
CA PRO B 128 16.26 -35.08 -4.04
C PRO B 128 14.95 -35.81 -3.71
N LEU B 129 13.89 -35.45 -4.45
CA LEU B 129 12.59 -36.11 -4.33
C LEU B 129 12.43 -36.90 -5.63
N ALA B 130 12.74 -38.19 -5.55
CA ALA B 130 12.79 -39.14 -6.66
C ALA B 130 11.45 -39.48 -7.30
N PRO B 131 11.39 -39.55 -8.67
CA PRO B 131 10.14 -40.00 -9.33
C PRO B 131 9.89 -41.47 -9.03
N SER B 132 8.69 -41.80 -8.52
CA SER B 132 8.34 -43.17 -8.13
C SER B 132 7.58 -43.97 -9.20
N SER B 133 8.31 -44.96 -9.76
CA SER B 133 8.01 -45.91 -10.85
C SER B 133 6.56 -46.43 -11.06
N LYS B 134 5.81 -45.72 -11.92
CA LYS B 134 4.43 -45.98 -12.33
C LYS B 134 3.64 -47.02 -11.57
N THR B 140 2.46 -40.11 -16.54
CA THR B 140 3.30 -38.96 -16.20
C THR B 140 3.70 -38.95 -14.72
N ALA B 141 4.97 -38.61 -14.44
CA ALA B 141 5.53 -38.59 -13.08
C ALA B 141 5.95 -37.20 -12.57
N ALA B 142 5.97 -37.04 -11.24
CA ALA B 142 6.36 -35.81 -10.54
C ALA B 142 7.60 -36.05 -9.69
N LEU B 143 8.65 -35.24 -9.94
CA LEU B 143 9.94 -35.28 -9.25
C LEU B 143 10.24 -33.92 -8.64
N GLY B 144 10.90 -33.90 -7.49
CA GLY B 144 11.21 -32.66 -6.80
C GLY B 144 12.57 -32.52 -6.16
N CYS B 145 12.67 -31.50 -5.29
CA CYS B 145 13.84 -31.09 -4.51
C CYS B 145 13.33 -30.64 -3.15
N LEU B 146 13.79 -31.26 -2.08
CA LEU B 146 13.43 -30.87 -0.72
C LEU B 146 14.52 -29.90 -0.18
N VAL B 147 14.13 -28.63 0.04
CA VAL B 147 14.99 -27.55 0.54
C VAL B 147 14.70 -27.40 2.03
N LYS B 148 15.61 -27.92 2.87
CA LYS B 148 15.47 -28.09 4.31
C LYS B 148 16.24 -27.14 5.23
N ASP B 149 15.59 -26.78 6.35
CA ASP B 149 16.10 -25.95 7.45
C ASP B 149 16.96 -24.74 7.04
N TYR B 150 16.31 -23.69 6.52
CA TYR B 150 16.94 -22.43 6.12
C TYR B 150 16.26 -21.24 6.80
N PHE B 151 17.00 -20.13 6.96
CA PHE B 151 16.54 -18.89 7.58
C PHE B 151 17.40 -17.73 7.13
N PRO B 152 16.83 -16.55 6.81
CA PRO B 152 15.39 -16.25 6.67
C PRO B 152 14.91 -16.57 5.24
N GLU B 153 13.63 -16.26 4.91
CA GLU B 153 13.15 -16.44 3.55
C GLU B 153 13.63 -15.24 2.71
N PRO B 154 13.78 -15.33 1.36
CA PRO B 154 13.35 -16.39 0.44
C PRO B 154 14.40 -17.33 -0.18
N VAL B 155 13.90 -18.47 -0.70
CA VAL B 155 14.62 -19.49 -1.46
C VAL B 155 14.05 -19.47 -2.89
N THR B 156 14.94 -19.42 -3.89
CA THR B 156 14.57 -19.38 -5.31
C THR B 156 14.92 -20.72 -5.99
N VAL B 157 13.90 -21.47 -6.40
CA VAL B 157 14.10 -22.77 -7.05
C VAL B 157 13.76 -22.69 -8.52
N SER B 158 14.74 -23.01 -9.37
CA SER B 158 14.59 -22.99 -10.82
C SER B 158 15.20 -24.25 -11.46
N TRP B 159 14.44 -24.91 -12.32
CA TRP B 159 14.89 -26.07 -13.10
C TRP B 159 14.96 -25.52 -14.55
N ASN B 160 16.01 -25.81 -15.36
CA ASN B 160 17.19 -26.66 -15.15
C ASN B 160 18.45 -25.81 -15.32
N GLY B 167 5.79 -28.18 -15.75
CA GLY B 167 5.05 -28.70 -14.60
C GLY B 167 5.56 -28.23 -13.24
N VAL B 168 6.39 -27.14 -13.26
CA VAL B 168 7.06 -26.50 -12.11
C VAL B 168 6.12 -25.90 -11.08
N HIS B 169 6.15 -26.45 -9.85
CA HIS B 169 5.38 -25.91 -8.72
C HIS B 169 6.22 -25.85 -7.44
N THR B 170 6.72 -24.64 -7.14
CA THR B 170 7.50 -24.32 -5.94
C THR B 170 6.47 -23.97 -4.87
N PHE B 171 6.39 -24.81 -3.85
CA PHE B 171 5.44 -24.72 -2.75
C PHE B 171 5.78 -23.66 -1.69
N PRO B 172 4.78 -23.18 -0.91
CA PRO B 172 5.12 -22.22 0.15
C PRO B 172 5.85 -22.93 1.27
N ALA B 173 6.78 -22.23 1.93
CA ALA B 173 7.58 -22.81 3.01
C ALA B 173 6.79 -23.06 4.29
N VAL B 174 7.27 -24.00 5.10
CA VAL B 174 6.67 -24.34 6.39
C VAL B 174 7.52 -23.76 7.54
N LEU B 175 6.88 -23.03 8.46
CA LEU B 175 7.58 -22.48 9.63
C LEU B 175 7.47 -23.51 10.75
N GLN B 176 8.63 -23.99 11.20
CA GLN B 176 8.75 -25.02 12.23
C GLN B 176 8.86 -24.38 13.61
N SER B 177 8.77 -25.22 14.68
CA SER B 177 8.94 -24.84 16.09
C SER B 177 10.36 -24.30 16.31
N SER B 178 11.32 -24.82 15.51
CA SER B 178 12.73 -24.46 15.51
C SER B 178 12.93 -22.99 15.10
N GLY B 179 12.11 -22.50 14.17
CA GLY B 179 12.18 -21.14 13.63
C GLY B 179 12.77 -21.10 12.23
N LEU B 180 13.02 -22.29 11.66
CA LEU B 180 13.59 -22.45 10.33
C LEU B 180 12.51 -22.87 9.34
N TYR B 181 12.72 -22.54 8.06
CA TYR B 181 11.79 -22.87 6.99
C TYR B 181 12.28 -24.03 6.13
N SER B 182 11.33 -24.81 5.57
CA SER B 182 11.55 -25.92 4.66
C SER B 182 10.49 -25.86 3.57
N LEU B 183 10.89 -25.98 2.29
CA LEU B 183 9.97 -25.98 1.15
C LEU B 183 10.26 -27.11 0.14
N SER B 184 9.34 -27.33 -0.82
CA SER B 184 9.51 -28.30 -1.90
C SER B 184 9.13 -27.70 -3.23
N SER B 185 9.86 -28.05 -4.30
CA SER B 185 9.61 -27.63 -5.68
C SER B 185 9.47 -28.92 -6.49
N VAL B 186 8.32 -29.09 -7.18
CA VAL B 186 8.00 -30.30 -7.97
C VAL B 186 7.83 -29.97 -9.46
N VAL B 187 8.12 -30.97 -10.34
CA VAL B 187 7.98 -30.89 -11.81
C VAL B 187 7.23 -32.10 -12.38
N THR B 188 6.04 -31.84 -12.96
CA THR B 188 5.18 -32.85 -13.57
C THR B 188 5.55 -33.04 -15.04
N THR B 198 17.98 -35.03 -18.34
CA THR B 198 18.55 -34.80 -17.01
C THR B 198 17.77 -33.71 -16.24
N TYR B 199 17.36 -34.02 -15.00
CA TYR B 199 16.61 -33.11 -14.14
C TYR B 199 17.44 -32.63 -12.95
N ILE B 200 17.75 -31.31 -12.92
CA ILE B 200 18.57 -30.63 -11.90
C ILE B 200 17.85 -29.38 -11.36
N CYS B 201 17.57 -29.32 -10.05
CA CYS B 201 16.99 -28.11 -9.46
C CYS B 201 18.12 -27.16 -9.05
N ASN B 202 17.93 -25.87 -9.31
CA ASN B 202 18.92 -24.86 -8.95
C ASN B 202 18.38 -24.05 -7.77
N VAL B 203 18.78 -24.44 -6.55
CA VAL B 203 18.38 -23.80 -5.30
C VAL B 203 19.29 -22.59 -5.07
N ASN B 204 18.70 -21.46 -4.65
CA ASN B 204 19.42 -20.23 -4.38
C ASN B 204 18.86 -19.55 -3.15
N HIS B 205 19.70 -19.43 -2.12
CA HIS B 205 19.34 -18.78 -0.87
C HIS B 205 20.29 -17.61 -0.70
N LYS B 206 19.91 -16.44 -1.26
CA LYS B 206 20.70 -15.21 -1.21
C LYS B 206 21.02 -14.66 0.22
N PRO B 207 20.14 -14.79 1.26
CA PRO B 207 20.52 -14.29 2.59
C PRO B 207 21.76 -14.95 3.25
N SER B 208 22.12 -16.20 2.85
CA SER B 208 23.30 -16.93 3.35
C SER B 208 24.34 -17.15 2.23
N ASN B 209 24.02 -16.68 1.00
CA ASN B 209 24.81 -16.79 -0.22
C ASN B 209 25.14 -18.24 -0.61
N THR B 210 24.13 -19.13 -0.46
CA THR B 210 24.20 -20.56 -0.80
C THR B 210 23.48 -20.81 -2.14
N LYS B 211 24.17 -21.45 -3.08
CA LYS B 211 23.66 -21.83 -4.39
C LYS B 211 23.93 -23.32 -4.54
N VAL B 212 22.86 -24.11 -4.64
CA VAL B 212 22.93 -25.57 -4.77
C VAL B 212 22.31 -26.01 -6.11
N ASP B 213 23.05 -26.83 -6.87
CA ASP B 213 22.59 -27.48 -8.09
C ASP B 213 22.59 -28.97 -7.77
N LYS B 214 21.41 -29.62 -7.85
CA LYS B 214 21.29 -31.05 -7.50
C LYS B 214 20.48 -31.81 -8.54
N LYS B 215 21.14 -32.82 -9.16
CA LYS B 215 20.49 -33.67 -10.15
C LYS B 215 19.64 -34.71 -9.43
N VAL B 216 18.35 -34.76 -9.80
CA VAL B 216 17.40 -35.72 -9.23
C VAL B 216 17.18 -36.85 -10.25
N GLU B 217 17.62 -38.06 -9.86
CA GLU B 217 17.57 -39.27 -10.69
C GLU B 217 16.58 -40.31 -10.14
N PRO B 218 15.93 -41.12 -11.01
CA PRO B 218 15.03 -42.17 -10.49
C PRO B 218 15.83 -43.25 -9.78
N LYS B 219 15.35 -43.70 -8.61
CA LYS B 219 16.00 -44.70 -7.77
C LYS B 219 16.15 -46.08 -8.44
N SER B 220 17.41 -46.58 -8.50
CA SER B 220 17.77 -47.86 -9.10
C SER B 220 18.60 -48.70 -8.13
N GLN C 1 -6.51 8.63 18.66
CA GLN C 1 -6.05 7.92 17.47
C GLN C 1 -7.25 7.48 16.61
N THR C 2 -7.26 7.91 15.32
CA THR C 2 -8.33 7.62 14.36
C THR C 2 -8.35 6.16 13.91
N VAL C 3 -9.55 5.64 13.63
CA VAL C 3 -9.72 4.27 13.17
C VAL C 3 -10.44 4.29 11.81
N VAL C 4 -9.80 3.68 10.81
CA VAL C 4 -10.35 3.55 9.47
C VAL C 4 -11.05 2.18 9.43
N THR C 5 -12.37 2.22 9.27
CA THR C 5 -13.24 1.05 9.30
C THR C 5 -13.72 0.58 7.94
N GLN C 6 -13.45 -0.69 7.64
CA GLN C 6 -13.96 -1.35 6.43
C GLN C 6 -14.46 -2.75 6.75
N GLU C 7 -15.53 -3.20 6.05
CA GLU C 7 -16.13 -4.53 6.24
C GLU C 7 -15.07 -5.63 6.11
N PRO C 8 -14.91 -6.53 7.11
CA PRO C 8 -13.87 -7.58 6.97
C PRO C 8 -14.02 -8.45 5.73
N SER C 9 -15.25 -8.83 5.39
CA SER C 9 -15.53 -9.66 4.24
C SER C 9 -16.85 -9.29 3.57
N LEU C 10 -16.90 -9.50 2.25
CA LEU C 10 -18.08 -9.23 1.41
C LEU C 10 -18.05 -10.18 0.23
N SER C 11 -19.21 -10.43 -0.41
CA SER C 11 -19.28 -11.32 -1.56
C SER C 11 -20.24 -10.85 -2.64
N VAL C 12 -20.05 -11.35 -3.85
CA VAL C 12 -20.83 -10.97 -5.02
C VAL C 12 -20.85 -12.13 -6.02
N SER C 13 -21.84 -12.15 -6.90
CA SER C 13 -21.98 -13.14 -7.94
C SER C 13 -21.44 -12.58 -9.27
N PRO C 14 -20.93 -13.43 -10.19
CA PRO C 14 -20.42 -12.90 -11.48
C PRO C 14 -21.42 -12.01 -12.18
N GLY C 15 -20.95 -10.88 -12.70
CA GLY C 15 -21.77 -9.90 -13.40
C GLY C 15 -22.60 -9.02 -12.49
N GLY C 16 -22.48 -9.23 -11.17
CA GLY C 16 -23.15 -8.47 -10.11
C GLY C 16 -22.40 -7.22 -9.67
N THR C 17 -23.13 -6.33 -8.97
CA THR C 17 -22.66 -5.05 -8.43
C THR C 17 -22.43 -5.17 -6.91
N VAL C 18 -21.29 -4.67 -6.43
CA VAL C 18 -20.93 -4.72 -5.01
C VAL C 18 -20.30 -3.39 -4.61
N THR C 19 -20.62 -2.90 -3.41
CA THR C 19 -20.07 -1.67 -2.84
C THR C 19 -19.34 -1.96 -1.52
N LEU C 20 -18.06 -1.54 -1.47
CA LEU C 20 -17.16 -1.66 -0.32
C LEU C 20 -17.07 -0.28 0.27
N THR C 21 -17.28 -0.18 1.58
CA THR C 21 -17.27 1.10 2.27
C THR C 21 -16.05 1.24 3.11
N CYS C 22 -15.75 2.49 3.47
CA CYS C 22 -14.58 2.85 4.22
C CYS C 22 -14.89 4.10 5.02
N GLY C 23 -14.87 3.98 6.34
CA GLY C 23 -15.25 5.10 7.20
C GLY C 23 -14.30 5.43 8.30
N LEU C 24 -14.56 6.56 8.96
CA LEU C 24 -13.82 7.08 10.10
C LEU C 24 -14.66 7.00 11.37
N SER C 25 -13.98 6.92 12.53
CA SER C 25 -14.60 6.91 13.85
C SER C 25 -14.83 8.35 14.30
N SER C 26 -13.93 9.28 13.85
CA SER C 26 -13.91 10.71 14.17
C SER C 26 -14.83 11.60 13.31
N GLY C 27 -15.74 11.00 12.56
CA GLY C 27 -16.68 11.76 11.75
C GLY C 27 -16.76 11.35 10.31
N SER C 28 -17.27 12.24 9.44
CA SER C 28 -17.44 11.98 8.02
C SER C 28 -16.17 12.07 7.15
N VAL C 29 -16.11 11.20 6.12
CA VAL C 29 -15.06 11.15 5.12
C VAL C 29 -15.41 12.23 4.10
N THR C 30 -14.44 13.12 3.82
CA THR C 30 -14.60 14.22 2.86
C THR C 30 -13.53 14.12 1.76
N ALA C 31 -13.65 14.99 0.70
CA ALA C 31 -12.70 15.11 -0.42
C ALA C 31 -11.27 15.29 0.10
N SER C 32 -11.11 16.02 1.23
CA SER C 32 -9.86 16.32 1.92
C SER C 32 -9.12 15.10 2.44
N ASN C 33 -9.82 13.98 2.64
CA ASN C 33 -9.23 12.71 3.04
C ASN C 33 -8.59 11.94 1.86
N TYR C 34 -8.79 12.46 0.62
CA TYR C 34 -8.27 11.91 -0.64
C TYR C 34 -8.28 10.39 -0.64
N PRO C 35 -9.50 9.77 -0.54
CA PRO C 35 -9.55 8.31 -0.44
C PRO C 35 -8.93 7.54 -1.60
N GLY C 36 -8.10 6.56 -1.23
CA GLY C 36 -7.42 5.67 -2.14
C GLY C 36 -7.85 4.23 -1.92
N TRP C 37 -7.97 3.46 -3.02
CA TRP C 37 -8.34 2.05 -3.00
C TRP C 37 -7.26 1.27 -3.67
N PHE C 38 -6.79 0.24 -2.95
CA PHE C 38 -5.70 -0.65 -3.36
C PHE C 38 -6.19 -2.09 -3.37
N GLN C 39 -5.88 -2.82 -4.45
CA GLN C 39 -6.24 -4.23 -4.64
C GLN C 39 -5.00 -5.08 -4.46
N GLN C 40 -5.13 -6.15 -3.69
CA GLN C 40 -4.04 -7.06 -3.47
C GLN C 40 -4.48 -8.51 -3.71
N THR C 41 -3.83 -9.13 -4.69
CA THR C 41 -4.00 -10.55 -5.04
C THR C 41 -2.99 -11.33 -4.08
N PRO C 42 -3.28 -12.57 -3.63
CA PRO C 42 -2.32 -13.25 -2.74
C PRO C 42 -0.87 -13.44 -3.27
N GLY C 43 0.09 -13.16 -2.38
CA GLY C 43 1.51 -13.18 -2.67
C GLY C 43 1.95 -12.08 -3.62
N GLN C 44 1.03 -11.16 -3.97
CA GLN C 44 1.30 -10.06 -4.89
C GLN C 44 1.40 -8.70 -4.18
N ALA C 45 2.01 -7.73 -4.85
CA ALA C 45 2.17 -6.39 -4.33
C ALA C 45 0.86 -5.63 -4.55
N PRO C 46 0.47 -4.73 -3.63
CA PRO C 46 -0.81 -4.00 -3.85
C PRO C 46 -0.80 -3.14 -5.13
N ARG C 47 -1.95 -3.04 -5.78
CA ARG C 47 -2.14 -2.27 -7.00
C ARG C 47 -3.21 -1.21 -6.72
N ALA C 48 -2.86 0.05 -6.93
CA ALA C 48 -3.75 1.18 -6.74
C ALA C 48 -4.85 1.18 -7.80
N LEU C 49 -6.11 1.27 -7.36
CA LEU C 49 -7.27 1.27 -8.26
C LEU C 49 -7.86 2.68 -8.45
N ILE C 50 -8.28 3.28 -7.34
CA ILE C 50 -8.86 4.61 -7.28
C ILE C 50 -8.01 5.50 -6.35
N TYR C 51 -7.82 6.77 -6.74
CA TYR C 51 -7.12 7.78 -5.97
C TYR C 51 -7.98 9.05 -5.94
N SER C 52 -7.75 9.97 -4.96
CA SER C 52 -8.51 11.23 -4.83
C SER C 52 -10.01 11.02 -4.96
N THR C 53 -10.53 10.03 -4.20
CA THR C 53 -11.93 9.56 -4.13
C THR C 53 -12.45 8.79 -5.34
N ASN C 54 -12.35 9.37 -6.55
CA ASN C 54 -12.98 8.84 -7.78
C ASN C 54 -12.06 8.80 -9.02
N ASP C 55 -10.76 8.99 -8.86
CA ASP C 55 -9.88 8.96 -10.02
C ASP C 55 -9.33 7.57 -10.25
N ARG C 56 -9.40 7.08 -11.49
CA ARG C 56 -8.89 5.74 -11.80
C ARG C 56 -7.47 5.77 -12.26
N HIS C 57 -6.69 4.84 -11.71
CA HIS C 57 -5.28 4.66 -12.04
C HIS C 57 -5.17 4.10 -13.48
N SER C 58 -3.99 4.28 -14.10
CA SER C 58 -3.71 3.83 -15.47
C SER C 58 -3.99 2.34 -15.62
N GLY C 59 -4.78 2.00 -16.64
CA GLY C 59 -5.15 0.61 -16.95
C GLY C 59 -6.09 -0.09 -15.99
N VAL C 60 -6.90 0.70 -15.23
CA VAL C 60 -7.87 0.15 -14.29
C VAL C 60 -9.22 0.02 -15.02
N PRO C 61 -9.86 -1.19 -15.04
CA PRO C 61 -11.15 -1.32 -15.74
C PRO C 61 -12.21 -0.35 -15.24
N SER C 62 -13.01 0.18 -16.18
CA SER C 62 -14.09 1.14 -15.91
C SER C 62 -15.16 0.67 -14.93
N ARG C 63 -15.21 -0.64 -14.63
CA ARG C 63 -16.20 -1.22 -13.71
C ARG C 63 -15.91 -0.85 -12.27
N PHE C 64 -14.66 -0.49 -11.98
CA PHE C 64 -14.26 -0.04 -10.66
C PHE C 64 -14.49 1.47 -10.61
N SER C 65 -15.23 1.94 -9.60
CA SER C 65 -15.47 3.37 -9.45
C SER C 65 -15.53 3.77 -8.00
N GLY C 66 -15.08 4.99 -7.73
CA GLY C 66 -15.05 5.57 -6.40
C GLY C 66 -15.97 6.75 -6.18
N SER C 67 -16.36 6.94 -4.94
CA SER C 67 -17.21 8.02 -4.50
C SER C 67 -17.18 8.12 -2.98
N ILE C 68 -17.93 9.10 -2.47
CA ILE C 68 -18.23 9.36 -1.07
C ILE C 68 -19.73 9.28 -1.05
N SER C 69 -20.28 8.32 -0.28
CA SER C 69 -21.72 8.16 -0.09
C SER C 69 -21.99 8.07 1.40
N GLY C 70 -22.72 9.08 1.87
CA GLY C 70 -23.05 9.24 3.28
C GLY C 70 -21.92 9.94 3.98
N ASN C 71 -21.33 9.24 4.94
CA ASN C 71 -20.22 9.77 5.70
C ASN C 71 -18.95 8.94 5.46
N LYS C 72 -19.00 8.07 4.44
CA LYS C 72 -17.97 7.10 4.08
C LYS C 72 -17.54 7.21 2.62
N ALA C 73 -16.32 6.71 2.35
CA ALA C 73 -15.70 6.56 1.02
C ALA C 73 -16.21 5.20 0.53
N ALA C 74 -16.56 5.12 -0.76
CA ALA C 74 -17.14 3.91 -1.33
C ALA C 74 -16.46 3.45 -2.62
N LEU C 75 -16.28 2.11 -2.76
CA LEU C 75 -15.76 1.48 -3.97
C LEU C 75 -16.82 0.56 -4.51
N THR C 76 -17.29 0.86 -5.72
CA THR C 76 -18.32 0.11 -6.43
C THR C 76 -17.70 -0.66 -7.60
N ILE C 77 -17.98 -1.96 -7.62
CA ILE C 77 -17.58 -2.86 -8.71
C ILE C 77 -18.89 -3.25 -9.42
N THR C 78 -19.06 -2.75 -10.66
CA THR C 78 -20.26 -2.98 -11.46
C THR C 78 -19.94 -4.07 -12.48
N GLY C 79 -20.50 -5.25 -12.27
CA GLY C 79 -20.29 -6.39 -13.14
C GLY C 79 -19.02 -7.11 -12.80
N ALA C 80 -18.97 -7.62 -11.55
CA ALA C 80 -17.84 -8.34 -10.95
C ALA C 80 -17.40 -9.55 -11.74
N GLN C 81 -16.09 -9.79 -11.75
CA GLN C 81 -15.42 -10.85 -12.51
C GLN C 81 -14.72 -11.80 -11.56
N PRO C 82 -14.46 -13.08 -11.92
CA PRO C 82 -13.76 -13.97 -10.97
C PRO C 82 -12.42 -13.43 -10.48
N GLU C 83 -11.69 -12.75 -11.38
CA GLU C 83 -10.41 -12.07 -11.14
C GLU C 83 -10.52 -10.95 -10.07
N ASP C 84 -11.73 -10.39 -9.83
CA ASP C 84 -11.96 -9.37 -8.80
C ASP C 84 -11.89 -9.88 -7.35
N GLU C 85 -11.83 -11.22 -7.15
CA GLU C 85 -11.73 -11.81 -5.81
C GLU C 85 -10.32 -11.53 -5.31
N ALA C 86 -10.20 -10.63 -4.30
CA ALA C 86 -8.94 -10.13 -3.73
C ALA C 86 -9.21 -9.34 -2.44
N ASP C 87 -8.16 -8.80 -1.83
CA ASP C 87 -8.25 -7.93 -0.66
C ASP C 87 -8.26 -6.48 -1.15
N TYR C 88 -9.12 -5.67 -0.54
CA TYR C 88 -9.25 -4.27 -0.92
C TYR C 88 -8.99 -3.40 0.27
N TYR C 89 -7.93 -2.61 0.17
CA TYR C 89 -7.53 -1.70 1.22
C TYR C 89 -7.86 -0.27 0.82
N CYS C 90 -8.44 0.44 1.78
CA CYS C 90 -8.82 1.83 1.67
C CYS C 90 -7.76 2.61 2.43
N ALA C 91 -7.47 3.83 1.99
CA ALA C 91 -6.51 4.71 2.64
C ALA C 91 -7.07 6.10 2.67
N LEU C 92 -7.09 6.69 3.87
CA LEU C 92 -7.60 8.04 4.12
C LEU C 92 -6.49 8.91 4.70
N ASP C 93 -6.41 10.15 4.20
CA ASP C 93 -5.44 11.13 4.66
C ASP C 93 -6.06 11.91 5.84
N ILE C 94 -5.65 11.57 7.08
CA ILE C 94 -6.16 12.18 8.31
C ILE C 94 -5.04 12.95 8.99
N GLY C 95 -5.30 14.21 9.29
CA GLY C 95 -4.32 15.11 9.89
C GLY C 95 -3.21 15.41 8.91
N ASP C 96 -1.99 14.95 9.24
CA ASP C 96 -0.77 15.14 8.45
C ASP C 96 -0.26 13.81 7.87
N ILE C 97 -0.95 12.74 8.26
CA ILE C 97 -0.65 11.33 8.04
C ILE C 97 -1.67 10.70 7.10
N THR C 98 -1.44 9.42 6.77
CA THR C 98 -2.37 8.54 6.05
C THR C 98 -2.55 7.26 6.83
N GLU C 99 -3.78 6.75 6.85
CA GLU C 99 -4.15 5.54 7.58
C GLU C 99 -4.87 4.58 6.68
N PHE C 100 -4.48 3.31 6.72
CA PHE C 100 -5.14 2.28 5.95
C PHE C 100 -6.17 1.61 6.85
N GLY C 101 -7.25 1.13 6.23
CA GLY C 101 -8.26 0.34 6.91
C GLY C 101 -7.72 -1.08 6.98
N GLY C 102 -8.42 -1.95 7.72
CA GLY C 102 -8.04 -3.35 7.88
C GLY C 102 -8.08 -4.14 6.59
N GLY C 103 -8.84 -3.64 5.61
CA GLY C 103 -9.01 -4.31 4.34
C GLY C 103 -10.28 -5.13 4.29
N THR C 104 -10.77 -5.40 3.08
CA THR C 104 -11.99 -6.15 2.82
C THR C 104 -11.62 -7.30 1.94
N HIS C 105 -11.98 -8.53 2.36
CA HIS C 105 -11.78 -9.67 1.49
C HIS C 105 -13.06 -9.83 0.69
N LEU C 106 -12.94 -9.69 -0.63
CA LEU C 106 -14.08 -9.84 -1.51
C LEU C 106 -14.01 -11.20 -2.16
N THR C 107 -15.09 -11.94 -2.02
CA THR C 107 -15.22 -13.24 -2.64
C THR C 107 -16.19 -13.08 -3.79
N VAL C 108 -15.83 -13.61 -4.95
CA VAL C 108 -16.71 -13.67 -6.10
C VAL C 108 -17.25 -15.12 -6.06
N LEU C 109 -18.58 -15.23 -5.87
CA LEU C 109 -19.34 -16.46 -5.72
C LEU C 109 -19.40 -17.31 -6.99
N GLY C 110 -19.78 -18.57 -6.88
CA GLY C 110 -19.97 -19.37 -5.65
C GLY C 110 -19.43 -20.70 -6.07
N GLN C 111 -18.49 -20.55 -7.00
CA GLN C 111 -17.83 -21.38 -8.00
C GLN C 111 -16.98 -22.61 -7.61
N PRO C 112 -16.51 -23.40 -8.64
CA PRO C 112 -15.91 -24.72 -8.42
C PRO C 112 -15.23 -25.15 -7.14
N LYS C 113 -15.88 -26.12 -6.49
CA LYS C 113 -15.35 -26.81 -5.34
C LYS C 113 -14.35 -27.79 -6.00
N ALA C 114 -13.04 -27.52 -5.84
CA ALA C 114 -11.96 -28.32 -6.44
C ALA C 114 -11.34 -29.32 -5.48
N ALA C 115 -11.23 -30.56 -5.94
CA ALA C 115 -10.63 -31.65 -5.19
C ALA C 115 -9.08 -31.53 -5.25
N PRO C 116 -8.38 -31.75 -4.12
CA PRO C 116 -6.91 -31.63 -4.13
C PRO C 116 -6.15 -32.72 -4.90
N SER C 117 -5.02 -32.31 -5.49
CA SER C 117 -4.07 -33.18 -6.17
C SER C 117 -3.03 -33.46 -5.10
N VAL C 118 -2.90 -34.71 -4.68
CA VAL C 118 -1.96 -35.13 -3.63
C VAL C 118 -0.79 -35.88 -4.24
N THR C 119 0.42 -35.59 -3.74
CA THR C 119 1.67 -36.24 -4.13
C THR C 119 2.54 -36.41 -2.89
N LEU C 120 2.78 -37.66 -2.50
CA LEU C 120 3.56 -38.02 -1.32
C LEU C 120 4.91 -38.60 -1.70
N PHE C 121 5.97 -38.07 -1.08
CA PHE C 121 7.35 -38.51 -1.31
C PHE C 121 7.91 -39.19 -0.09
N PRO C 122 8.59 -40.35 -0.28
CA PRO C 122 9.26 -41.00 0.86
C PRO C 122 10.60 -40.28 1.15
N PRO C 123 11.28 -40.48 2.32
CA PRO C 123 12.59 -39.82 2.51
C PRO C 123 13.64 -40.29 1.49
N SER C 124 14.53 -39.38 1.06
CA SER C 124 15.60 -39.68 0.10
C SER C 124 16.70 -40.56 0.74
N SER C 125 17.54 -41.21 -0.10
CA SER C 125 18.67 -42.05 0.34
C SER C 125 19.61 -41.19 1.19
N GLU C 126 19.98 -40.00 0.64
CA GLU C 126 20.89 -38.99 1.20
C GLU C 126 20.46 -38.58 2.62
N GLU C 127 19.16 -38.27 2.81
CA GLU C 127 18.60 -37.86 4.09
C GLU C 127 18.68 -38.96 5.13
N LEU C 128 18.33 -40.20 4.76
CA LEU C 128 18.38 -41.37 5.64
C LEU C 128 19.83 -41.61 6.14
N GLN C 129 20.83 -41.33 5.27
CA GLN C 129 22.25 -41.43 5.59
C GLN C 129 22.66 -40.37 6.60
N ALA C 130 21.95 -39.21 6.60
CA ALA C 130 22.20 -38.09 7.51
C ALA C 130 21.44 -38.30 8.84
N ASN C 131 20.94 -39.54 9.05
CA ASN C 131 20.17 -40.01 10.20
C ASN C 131 18.85 -39.23 10.40
N LYS C 132 18.25 -38.78 9.29
CA LYS C 132 16.98 -38.02 9.27
C LYS C 132 16.01 -38.62 8.26
N ALA C 133 14.70 -38.41 8.49
CA ALA C 133 13.64 -38.91 7.60
C ALA C 133 12.47 -37.93 7.52
N THR C 134 12.16 -37.47 6.30
CA THR C 134 11.04 -36.54 6.08
C THR C 134 10.15 -37.06 4.97
N LEU C 135 8.86 -37.18 5.30
CA LEU C 135 7.77 -37.57 4.43
C LEU C 135 7.18 -36.26 3.90
N VAL C 136 7.09 -36.12 2.58
CA VAL C 136 6.62 -34.88 1.94
C VAL C 136 5.26 -35.04 1.20
N CYS C 137 4.18 -34.53 1.83
CA CYS C 137 2.80 -34.55 1.29
C CYS C 137 2.43 -33.22 0.66
N LEU C 138 2.39 -33.16 -0.67
CA LEU C 138 2.08 -31.95 -1.44
C LEU C 138 0.64 -31.95 -2.00
N ILE C 139 -0.20 -31.14 -1.35
CA ILE C 139 -1.62 -30.95 -1.61
C ILE C 139 -1.80 -29.68 -2.45
N SER C 140 -2.21 -29.82 -3.72
CA SER C 140 -2.38 -28.64 -4.57
C SER C 140 -3.75 -28.54 -5.26
N ASP C 141 -4.06 -27.34 -5.82
CA ASP C 141 -5.26 -27.00 -6.59
C ASP C 141 -6.62 -27.34 -5.95
N PHE C 142 -6.79 -27.06 -4.64
CA PHE C 142 -8.05 -27.30 -3.92
C PHE C 142 -8.86 -26.03 -3.57
N TYR C 143 -10.20 -26.15 -3.55
CA TYR C 143 -11.16 -25.09 -3.26
C TYR C 143 -12.37 -25.72 -2.54
N PRO C 144 -12.78 -25.28 -1.32
CA PRO C 144 -12.19 -24.19 -0.51
C PRO C 144 -10.91 -24.61 0.20
N GLY C 145 -10.18 -23.61 0.68
CA GLY C 145 -8.91 -23.81 1.36
C GLY C 145 -9.02 -23.98 2.85
N ALA C 146 -9.41 -25.17 3.21
CA ALA C 146 -9.54 -25.70 4.55
C ALA C 146 -9.37 -27.18 4.33
N VAL C 147 -8.44 -27.79 5.07
CA VAL C 147 -8.14 -29.21 4.92
C VAL C 147 -7.67 -29.79 6.25
N THR C 148 -7.86 -31.10 6.41
CA THR C 148 -7.41 -31.87 7.54
C THR C 148 -6.36 -32.85 6.99
N VAL C 149 -5.13 -32.79 7.52
CA VAL C 149 -4.10 -33.70 7.05
C VAL C 149 -3.86 -34.73 8.14
N ALA C 150 -4.16 -35.99 7.81
CA ALA C 150 -3.99 -37.12 8.72
C ALA C 150 -2.80 -37.95 8.26
N TRP C 151 -1.87 -38.20 9.18
CA TRP C 151 -0.68 -38.98 8.87
C TRP C 151 -0.81 -40.41 9.27
N LYS C 152 -0.76 -41.27 8.27
CA LYS C 152 -0.86 -42.70 8.49
C LYS C 152 0.39 -43.43 8.05
N ALA C 153 0.49 -44.63 8.58
CA ALA C 153 1.44 -45.71 8.44
C ALA C 153 0.97 -46.62 9.52
N ASP C 154 0.54 -47.82 9.14
CA ASP C 154 0.02 -48.81 10.04
C ASP C 154 -1.25 -48.33 10.77
N SER C 155 -2.20 -47.78 9.99
CA SER C 155 -3.55 -47.34 10.36
C SER C 155 -3.68 -46.33 11.52
N SER C 156 -2.91 -46.55 12.61
CA SER C 156 -2.83 -45.69 13.79
C SER C 156 -2.36 -44.32 13.30
N PRO C 157 -3.08 -43.22 13.67
CA PRO C 157 -2.69 -41.92 13.13
C PRO C 157 -1.55 -41.25 13.86
N VAL C 158 -0.54 -40.82 13.11
CA VAL C 158 0.66 -40.16 13.64
C VAL C 158 0.26 -38.92 14.44
N LYS C 159 0.52 -38.97 15.75
CA LYS C 159 0.19 -37.95 16.74
C LYS C 159 0.98 -36.66 16.55
N ALA C 160 2.33 -36.75 16.50
CA ALA C 160 3.21 -35.59 16.35
C ALA C 160 4.38 -35.80 15.37
N GLY C 161 5.08 -34.71 15.07
CA GLY C 161 6.17 -34.67 14.10
C GLY C 161 5.64 -34.12 12.80
N VAL C 162 4.36 -33.74 12.82
CA VAL C 162 3.57 -33.19 11.71
C VAL C 162 3.73 -31.68 11.69
N GLU C 163 4.13 -31.14 10.53
CA GLU C 163 4.28 -29.71 10.30
C GLU C 163 3.59 -29.41 8.99
N THR C 164 2.39 -28.82 9.08
CA THR C 164 1.56 -28.51 7.91
C THR C 164 1.45 -27.00 7.72
N THR C 165 1.60 -26.53 6.46
CA THR C 165 1.45 -25.10 6.14
C THR C 165 -0.04 -24.77 6.22
N THR C 166 -0.37 -23.53 6.63
CA THR C 166 -1.77 -23.09 6.65
C THR C 166 -2.15 -23.02 5.17
N PRO C 167 -3.28 -23.64 4.73
CA PRO C 167 -3.63 -23.60 3.29
C PRO C 167 -3.42 -22.20 2.72
N SER C 168 -2.52 -22.09 1.74
CA SER C 168 -2.19 -20.81 1.16
C SER C 168 -2.83 -20.61 -0.21
N LYS C 169 -3.62 -19.53 -0.34
CA LYS C 169 -4.29 -19.14 -1.59
C LYS C 169 -3.18 -18.88 -2.63
N GLN C 170 -3.32 -19.43 -3.84
CA GLN C 170 -2.28 -19.35 -4.86
C GLN C 170 -2.76 -18.86 -6.24
N SER C 171 -1.98 -19.22 -7.29
CA SER C 171 -2.21 -18.95 -8.72
C SER C 171 -3.51 -19.67 -9.14
N ASN C 172 -4.42 -18.93 -9.80
CA ASN C 172 -5.76 -19.34 -10.26
C ASN C 172 -6.77 -19.44 -9.10
N ASN C 173 -6.47 -18.78 -7.97
CA ASN C 173 -7.29 -18.76 -6.75
C ASN C 173 -7.39 -20.16 -6.07
N LYS C 174 -6.52 -21.07 -6.54
CA LYS C 174 -6.35 -22.44 -6.09
C LYS C 174 -5.73 -22.43 -4.68
N TYR C 175 -5.78 -23.55 -3.98
CA TYR C 175 -5.11 -23.64 -2.69
C TYR C 175 -4.01 -24.69 -2.79
N ALA C 176 -2.80 -24.28 -2.44
CA ALA C 176 -1.63 -25.15 -2.42
C ALA C 176 -1.15 -25.19 -0.99
N ALA C 177 -0.90 -26.39 -0.48
CA ALA C 177 -0.43 -26.62 0.89
C ALA C 177 0.53 -27.82 0.92
N SER C 178 1.23 -27.99 2.07
CA SER C 178 2.18 -29.08 2.26
C SER C 178 2.27 -29.53 3.71
N SER C 179 2.38 -30.84 3.91
CA SER C 179 2.54 -31.43 5.23
C SER C 179 3.81 -32.26 5.28
N TYR C 180 4.62 -32.04 6.33
CA TYR C 180 5.89 -32.73 6.55
C TYR C 180 5.88 -33.58 7.82
N LEU C 181 6.30 -34.84 7.70
CA LEU C 181 6.37 -35.76 8.83
C LEU C 181 7.81 -36.19 9.13
N SER C 182 8.34 -35.71 10.28
CA SER C 182 9.68 -36.02 10.73
C SER C 182 9.72 -37.32 11.55
N LEU C 183 10.46 -38.30 11.04
CA LEU C 183 10.61 -39.61 11.65
C LEU C 183 12.11 -39.90 11.84
N THR C 184 12.43 -40.93 12.65
CA THR C 184 13.79 -41.42 12.85
C THR C 184 13.99 -42.50 11.76
N PRO C 185 15.21 -42.75 11.22
CA PRO C 185 15.35 -43.79 10.18
C PRO C 185 14.91 -45.19 10.60
N GLU C 186 14.80 -45.44 11.92
CA GLU C 186 14.33 -46.70 12.50
C GLU C 186 12.81 -46.81 12.30
N GLN C 187 12.07 -45.71 12.57
CA GLN C 187 10.61 -45.62 12.40
C GLN C 187 10.17 -45.83 10.95
N TRP C 188 10.96 -45.33 9.98
CA TRP C 188 10.70 -45.48 8.55
C TRP C 188 10.88 -46.94 8.13
N LYS C 189 11.99 -47.56 8.58
CA LYS C 189 12.37 -48.95 8.33
C LYS C 189 11.40 -49.95 9.00
N SER C 190 10.92 -49.61 10.23
CA SER C 190 10.00 -50.39 11.07
C SER C 190 8.67 -50.80 10.39
N HIS C 191 7.77 -49.82 10.18
CA HIS C 191 6.43 -49.96 9.63
C HIS C 191 6.38 -50.43 8.16
N ARG C 192 5.27 -51.10 7.79
CA ARG C 192 5.01 -51.68 6.46
C ARG C 192 5.05 -50.65 5.32
N SER C 193 4.31 -49.52 5.49
CA SER C 193 4.21 -48.40 4.55
C SER C 193 3.53 -47.19 5.21
N TYR C 194 3.91 -45.96 4.79
CA TYR C 194 3.38 -44.68 5.30
C TYR C 194 2.39 -44.04 4.32
N SER C 195 1.24 -43.52 4.83
CA SER C 195 0.16 -42.89 4.06
C SER C 195 -0.16 -41.44 4.49
N CYS C 196 -0.60 -40.62 3.52
CA CYS C 196 -1.00 -39.24 3.80
C CYS C 196 -2.47 -39.09 3.40
N GLN C 197 -3.36 -38.88 4.40
CA GLN C 197 -4.80 -38.76 4.18
C GLN C 197 -5.27 -37.33 4.35
N VAL C 198 -5.76 -36.70 3.25
CA VAL C 198 -6.27 -35.32 3.30
C VAL C 198 -7.79 -35.23 3.20
N THR C 199 -8.43 -34.72 4.28
CA THR C 199 -9.88 -34.57 4.37
C THR C 199 -10.30 -33.16 3.91
N HIS C 200 -10.92 -33.11 2.71
CA HIS C 200 -11.40 -31.87 2.10
C HIS C 200 -12.90 -31.97 1.82
N GLU C 201 -13.72 -31.31 2.67
CA GLU C 201 -15.19 -31.28 2.63
C GLU C 201 -15.75 -32.70 2.76
N GLY C 202 -15.28 -33.41 3.80
CA GLY C 202 -15.63 -34.79 4.09
C GLY C 202 -14.90 -35.82 3.26
N SER C 203 -14.61 -35.47 1.98
CA SER C 203 -13.91 -36.30 1.00
C SER C 203 -12.46 -36.52 1.42
N THR C 204 -12.05 -37.79 1.55
CA THR C 204 -10.70 -38.17 1.94
C THR C 204 -9.94 -38.79 0.78
N VAL C 205 -8.94 -38.07 0.26
CA VAL C 205 -8.06 -38.54 -0.80
C VAL C 205 -6.72 -38.94 -0.15
N GLU C 206 -6.34 -40.22 -0.31
CA GLU C 206 -5.17 -40.83 0.29
C GLU C 206 -4.06 -41.25 -0.71
N LYS C 207 -2.78 -41.14 -0.27
CA LYS C 207 -1.57 -41.53 -0.99
C LYS C 207 -0.65 -42.29 -0.02
N THR C 208 -0.01 -43.38 -0.50
CA THR C 208 0.85 -44.25 0.34
C THR C 208 2.27 -44.49 -0.25
N VAL C 209 3.29 -44.53 0.64
CA VAL C 209 4.71 -44.78 0.31
C VAL C 209 5.30 -45.90 1.18
N ALA C 210 6.18 -46.75 0.60
CA ALA C 210 6.84 -47.88 1.29
C ALA C 210 8.40 -47.84 1.19
N PRO C 211 9.16 -48.41 2.17
CA PRO C 211 10.64 -48.37 2.08
C PRO C 211 11.31 -49.17 0.96
#